data_3ZPP
#
_entry.id   3ZPP
#
_cell.length_a   62.840
_cell.length_b   140.650
_cell.length_c   128.640
_cell.angle_alpha   90.00
_cell.angle_beta   90.00
_cell.angle_gamma   90.00
#
_symmetry.space_group_name_H-M   'C 2 2 21'
#
loop_
_entity.id
_entity.type
_entity.pdbx_description
1 polymer 'CELL WALL SURFACE ANCHOR FAMILY PROTEIN'
2 non-polymer 'CALCIUM ION'
3 water water
#
_entity_poly.entity_id   1
_entity_poly.type   'polypeptide(L)'
_entity_poly.pdbx_seq_one_letter_code
;MGSSHHHHHHSSGLVPRGSHMTALSVKDYGAVGDGIHDDRQAIQDAIDAAAQGLGGGNVYFPEGTYLVKEIVFLKSHTHL
ELNEKATILNGINIKNHPSIVFMTGLFTDDGAQVEWGPTEDISYSGGTIDMNGALNEEGTKAKNLPLINSSGAFAIGNSN
NVTIKNVTFKDSYQGHAIQIAGSKNVLVDNSRFLGQALPKTMKDGQIISKESIQIEPLTRKGFPYALNDDGKKSENVTIQ
NSYFGKSDKSGELVTAIGTHYQTLSTQNPSNIKIQNNHFDNMMYAGVRFTGFTDVLIKGNRFDKKVKGESVHYRESGAAL
VNAYSYKNTKDLLDLNKQVVIAENIFNIADPKTKAIRVAKDSAEYLGKVSDITVTKNVINNNSKETEQPNIELLRVSDNL
VVSENSIFGGKEGIVIEDSKGKITVLNNQFYNLSGKYISFIKS
;
_entity_poly.pdbx_strand_id   A
#
# COMPACT_ATOMS: atom_id res chain seq x y z
N THR A 22 17.06 -29.41 2.84
CA THR A 22 15.89 -28.88 3.59
C THR A 22 16.26 -27.98 4.80
N ALA A 23 15.21 -27.40 5.37
CA ALA A 23 15.30 -26.14 6.06
C ALA A 23 15.48 -26.32 7.55
N LEU A 24 16.19 -25.38 8.18
CA LEU A 24 16.16 -25.21 9.64
C LEU A 24 14.72 -25.03 10.11
N SER A 25 14.22 -25.98 10.88
CA SER A 25 12.95 -25.75 11.56
C SER A 25 13.04 -24.80 12.76
N VAL A 26 12.03 -23.99 12.88
CA VAL A 26 11.92 -22.99 13.94
C VAL A 26 11.63 -23.65 15.31
N LYS A 27 10.96 -24.80 15.30
CA LYS A 27 10.79 -25.61 16.51
C LYS A 27 12.12 -26.17 17.01
N ASP A 28 12.93 -26.74 16.12
CA ASP A 28 14.27 -27.17 16.54
C ASP A 28 14.97 -26.04 17.34
N TYR A 29 14.64 -24.77 17.08
CA TYR A 29 15.33 -23.66 17.79
C TYR A 29 14.57 -23.17 18.99
N GLY A 30 13.46 -23.85 19.31
CA GLY A 30 12.77 -23.64 20.59
C GLY A 30 11.52 -22.82 20.49
N ALA A 31 11.08 -22.50 19.28
CA ALA A 31 9.72 -21.95 19.16
C ALA A 31 8.71 -23.04 19.60
N VAL A 32 7.75 -22.64 20.45
CA VAL A 32 6.63 -23.48 20.82
C VAL A 32 5.38 -23.02 20.07
N GLY A 33 4.54 -23.95 19.65
CA GLY A 33 3.45 -23.54 18.74
C GLY A 33 2.33 -22.64 19.28
N ASP A 34 2.47 -22.14 20.51
CA ASP A 34 1.28 -21.76 21.31
C ASP A 34 0.91 -20.30 21.25
N GLY A 35 -0.15 -19.94 21.95
CA GLY A 35 -0.52 -18.54 21.93
C GLY A 35 0.48 -17.63 22.64
N ILE A 36 1.38 -18.20 23.44
CA ILE A 36 1.71 -17.65 24.75
C ILE A 36 3.22 -17.42 25.00
N HIS A 37 4.02 -18.42 24.68
CA HIS A 37 5.46 -18.33 24.84
C HIS A 37 6.05 -17.36 23.82
N ASP A 38 6.81 -16.38 24.30
CA ASP A 38 7.59 -15.51 23.42
C ASP A 38 8.58 -16.30 22.54
N ASP A 39 8.29 -16.40 21.23
CA ASP A 39 9.18 -17.12 20.27
C ASP A 39 10.21 -16.23 19.51
N ARG A 40 10.23 -14.93 19.82
CA ARG A 40 11.19 -13.99 19.20
C ARG A 40 12.61 -14.53 19.09
N GLN A 41 13.15 -14.94 20.24
CA GLN A 41 14.52 -15.41 20.32
C GLN A 41 14.71 -16.62 19.47
N ALA A 42 13.74 -17.56 19.53
CA ALA A 42 13.90 -18.86 18.89
C ALA A 42 13.90 -18.63 17.38
N ILE A 43 13.00 -17.77 16.94
CA ILE A 43 12.84 -17.50 15.55
C ILE A 43 14.10 -16.79 15.07
N GLN A 44 14.57 -15.81 15.87
CA GLN A 44 15.78 -15.06 15.51
C GLN A 44 16.95 -15.98 15.37
N ASP A 45 16.99 -17.02 16.22
CA ASP A 45 18.12 -17.88 16.21
C ASP A 45 18.14 -18.74 14.94
N ALA A 46 16.96 -19.20 14.50
CA ALA A 46 16.78 -19.89 13.22
C ALA A 46 17.33 -19.04 12.07
N ILE A 47 16.82 -17.81 11.99
CA ILE A 47 17.24 -16.86 10.98
C ILE A 47 18.76 -16.68 10.98
N ASP A 48 19.33 -16.58 12.19
CA ASP A 48 20.75 -16.19 12.29
C ASP A 48 21.60 -17.35 11.80
N ALA A 49 21.12 -18.55 12.07
CA ALA A 49 21.74 -19.76 11.58
C ALA A 49 21.61 -19.93 10.04
N ALA A 50 20.40 -19.75 9.52
CA ALA A 50 20.24 -19.69 8.07
C ALA A 50 21.15 -18.63 7.45
N ALA A 51 21.18 -17.43 8.04
CA ALA A 51 22.11 -16.37 7.55
C ALA A 51 23.56 -16.81 7.35
N GLN A 52 24.05 -17.73 8.19
CA GLN A 52 25.40 -18.26 8.08
C GLN A 52 25.56 -19.26 6.94
N GLY A 53 24.44 -19.86 6.52
CA GLY A 53 24.44 -20.87 5.47
C GLY A 53 23.89 -22.22 5.92
N LEU A 54 23.40 -22.34 7.14
CA LEU A 54 22.91 -23.66 7.58
C LEU A 54 21.52 -23.96 7.04
N GLY A 55 21.20 -25.23 6.77
CA GLY A 55 19.93 -25.63 6.10
C GLY A 55 19.84 -24.89 4.77
N GLY A 56 21.00 -24.42 4.26
CA GLY A 56 21.05 -23.70 2.99
C GLY A 56 20.19 -22.45 2.93
N GLY A 57 20.21 -21.66 3.99
CA GLY A 57 19.56 -20.38 4.01
C GLY A 57 18.07 -20.50 4.25
N ASN A 58 17.58 -21.72 4.34
CA ASN A 58 16.14 -21.90 4.46
C ASN A 58 15.61 -22.07 5.88
N VAL A 59 14.48 -21.42 6.15
CA VAL A 59 13.81 -21.58 7.43
C VAL A 59 12.33 -21.96 7.30
N TYR A 60 11.90 -22.94 8.08
CA TYR A 60 10.54 -23.49 7.93
C TYR A 60 9.75 -23.31 9.20
N PHE A 61 8.53 -22.83 9.07
CA PHE A 61 7.61 -22.64 10.18
C PHE A 61 6.46 -23.62 9.98
N PRO A 62 6.44 -24.71 10.75
CA PRO A 62 5.29 -25.61 10.74
C PRO A 62 4.11 -25.02 11.48
N GLU A 63 3.03 -25.78 11.49
CA GLU A 63 1.73 -25.29 11.91
C GLU A 63 1.83 -24.69 13.31
N GLY A 64 1.28 -23.49 13.53
CA GLY A 64 1.19 -22.99 14.92
C GLY A 64 0.78 -21.54 15.01
N THR A 65 0.95 -20.96 16.19
CA THR A 65 0.74 -19.52 16.41
C THR A 65 2.01 -19.03 17.17
N TYR A 66 2.77 -18.10 16.56
CA TYR A 66 4.11 -17.78 17.08
C TYR A 66 4.10 -16.35 17.59
N LEU A 67 4.04 -16.19 18.90
CA LEU A 67 3.90 -14.87 19.46
C LEU A 67 5.32 -14.21 19.50
N VAL A 68 5.48 -12.99 19.01
CA VAL A 68 6.78 -12.26 19.22
C VAL A 68 6.50 -11.01 20.03
N LYS A 69 7.31 -10.71 21.04
CA LYS A 69 7.07 -9.54 21.89
C LYS A 69 8.14 -8.46 21.63
N GLU A 70 9.03 -8.72 20.69
CA GLU A 70 9.87 -7.64 20.09
C GLU A 70 10.16 -7.97 18.62
N ILE A 71 10.77 -7.01 17.94
CA ILE A 71 11.01 -7.07 16.51
C ILE A 71 11.96 -8.19 16.10
N VAL A 72 11.61 -8.84 14.99
CA VAL A 72 12.44 -9.90 14.43
C VAL A 72 13.24 -9.32 13.25
N PHE A 73 14.51 -9.68 13.14
CA PHE A 73 15.25 -9.10 12.03
C PHE A 73 15.48 -10.07 10.89
N LEU A 74 15.02 -9.70 9.71
CA LEU A 74 15.33 -10.48 8.55
C LEU A 74 16.83 -10.31 8.16
N LYS A 75 17.39 -11.35 7.55
CA LYS A 75 18.81 -11.42 7.16
C LYS A 75 18.96 -11.74 5.69
N SER A 76 19.97 -11.12 5.09
CA SER A 76 20.38 -11.36 3.70
C SER A 76 20.47 -12.84 3.37
N HIS A 77 20.01 -13.22 2.19
CA HIS A 77 20.17 -14.61 1.73
C HIS A 77 19.43 -15.62 2.60
N THR A 78 18.34 -15.22 3.23
CA THR A 78 17.48 -16.17 3.93
C THR A 78 16.13 -16.24 3.25
N HIS A 79 15.43 -17.37 3.41
CA HIS A 79 14.22 -17.70 2.67
C HIS A 79 13.25 -18.37 3.66
N LEU A 80 12.19 -17.70 4.09
CA LEU A 80 11.34 -18.24 5.14
C LEU A 80 10.07 -18.85 4.51
N GLU A 81 9.73 -20.07 4.88
CA GLU A 81 8.43 -20.64 4.41
C GLU A 81 7.62 -21.13 5.54
N LEU A 82 6.33 -20.76 5.52
CA LEU A 82 5.46 -21.02 6.62
C LEU A 82 4.30 -21.88 6.14
N ASN A 83 4.01 -22.94 6.90
CA ASN A 83 2.78 -23.68 6.74
C ASN A 83 1.56 -22.74 6.60
N GLU A 84 0.56 -23.17 5.82
CA GLU A 84 -0.68 -22.44 5.74
C GLU A 84 -1.33 -22.21 7.10
N LYS A 85 -1.06 -23.06 8.08
CA LYS A 85 -1.69 -22.84 9.38
C LYS A 85 -0.71 -22.29 10.41
N ALA A 86 0.43 -21.80 9.93
CA ALA A 86 1.32 -21.00 10.76
C ALA A 86 0.89 -19.54 10.79
N THR A 87 0.81 -18.97 11.98
CA THR A 87 0.58 -17.53 12.16
C THR A 87 1.75 -16.89 12.90
N ILE A 88 2.14 -15.68 12.50
CA ILE A 88 2.97 -14.87 13.37
C ILE A 88 2.05 -13.92 14.09
N LEU A 89 2.04 -13.95 15.41
CA LEU A 89 1.17 -13.07 16.19
C LEU A 89 2.02 -11.93 16.74
N ASN A 90 1.68 -10.72 16.35
CA ASN A 90 2.29 -9.55 16.90
C ASN A 90 1.92 -9.24 18.38
N GLY A 91 2.87 -9.46 19.27
CA GLY A 91 2.72 -9.10 20.68
C GLY A 91 3.73 -8.04 21.07
N ILE A 92 4.14 -7.20 20.13
CA ILE A 92 5.00 -6.08 20.52
C ILE A 92 4.16 -4.92 21.03
N ASN A 93 4.30 -4.63 22.33
CA ASN A 93 3.44 -3.68 23.01
C ASN A 93 4.28 -2.76 23.89
N ILE A 94 5.08 -1.93 23.25
CA ILE A 94 5.99 -1.01 23.95
C ILE A 94 5.59 0.43 23.62
N LYS A 95 5.32 1.24 24.64
CA LYS A 95 5.07 2.68 24.46
C LYS A 95 6.25 3.33 23.70
N ASN A 96 5.94 4.27 22.80
CA ASN A 96 6.93 5.05 22.02
C ASN A 96 7.95 4.24 21.20
N HIS A 97 7.45 3.13 20.69
CA HIS A 97 8.25 2.11 20.05
C HIS A 97 7.43 1.51 18.92
N PRO A 98 8.07 1.22 17.78
CA PRO A 98 7.39 0.58 16.68
C PRO A 98 6.81 -0.77 17.11
N SER A 99 5.66 -1.13 16.53
CA SER A 99 5.13 -2.46 16.68
C SER A 99 5.05 -3.16 15.30
N ILE A 100 6.20 -3.41 14.70
CA ILE A 100 6.32 -3.93 13.33
C ILE A 100 7.08 -5.22 13.48
N VAL A 101 6.48 -6.34 13.03
CA VAL A 101 7.04 -7.68 13.29
C VAL A 101 8.40 -7.94 12.69
N PHE A 102 8.59 -7.60 11.42
CA PHE A 102 9.85 -7.88 10.69
C PHE A 102 10.54 -6.59 10.21
N MET A 103 11.83 -6.45 10.46
CA MET A 103 12.63 -5.32 9.88
C MET A 103 13.87 -5.84 9.17
N THR A 104 14.32 -5.15 8.12
CA THR A 104 15.52 -5.64 7.44
C THR A 104 16.80 -4.98 8.02
N GLY A 105 16.67 -4.28 9.16
CA GLY A 105 17.81 -3.80 9.92
C GLY A 105 17.49 -3.51 11.38
N LEU A 106 18.55 -3.32 12.16
CA LEU A 106 18.45 -3.18 13.60
C LEU A 106 17.64 -1.94 14.08
N PHE A 107 16.88 -2.13 15.16
CA PHE A 107 16.17 -1.08 15.89
C PHE A 107 16.08 -1.56 17.34
N THR A 108 16.27 -0.66 18.30
CA THR A 108 16.21 -0.98 19.74
C THR A 108 15.21 -0.04 20.43
N ASP A 109 15.53 1.25 20.40
CA ASP A 109 14.69 2.31 21.01
C ASP A 109 14.81 3.62 20.25
N ASP A 110 13.76 4.43 20.31
CA ASP A 110 13.81 5.75 19.68
C ASP A 110 15.01 6.61 20.15
N GLY A 111 15.57 7.45 19.28
CA GLY A 111 16.85 8.11 19.54
C GLY A 111 18.10 7.22 19.60
N ALA A 112 17.95 5.91 19.41
CA ALA A 112 19.11 5.04 19.26
C ALA A 112 19.20 4.43 17.85
N GLN A 113 18.58 5.11 16.89
CA GLN A 113 18.59 4.69 15.49
C GLN A 113 20.00 4.56 14.95
N VAL A 114 20.12 3.76 13.89
CA VAL A 114 21.38 3.27 13.35
C VAL A 114 21.20 3.31 11.84
N GLU A 115 22.28 3.56 11.08
CA GLU A 115 22.26 3.39 9.62
C GLU A 115 21.90 1.92 9.26
N TRP A 116 21.01 1.68 8.29
CA TRP A 116 20.84 0.30 7.86
C TRP A 116 21.74 0.03 6.64
N GLY A 117 22.78 -0.78 6.79
CA GLY A 117 23.47 -1.32 5.63
C GLY A 117 22.53 -1.99 4.62
N PRO A 118 23.01 -2.12 3.36
CA PRO A 118 22.29 -2.81 2.28
C PRO A 118 22.02 -4.26 2.67
N THR A 119 20.87 -4.82 2.32
CA THR A 119 20.57 -6.28 2.50
C THR A 119 20.01 -6.82 1.21
N GLU A 120 20.28 -8.07 0.85
CA GLU A 120 19.67 -8.60 -0.36
C GLU A 120 19.11 -9.99 -0.23
N ASP A 121 18.22 -10.33 -1.17
CA ASP A 121 17.86 -11.72 -1.41
C ASP A 121 17.27 -12.32 -0.14
N ILE A 122 16.07 -11.82 0.19
CA ILE A 122 15.21 -12.27 1.30
C ILE A 122 13.90 -12.70 0.68
N SER A 123 13.41 -13.88 1.02
CA SER A 123 12.07 -14.29 0.60
C SER A 123 11.25 -14.83 1.75
N TYR A 124 9.96 -14.56 1.67
CA TYR A 124 9.11 -14.91 2.79
C TYR A 124 7.81 -15.38 2.18
N SER A 125 7.42 -16.60 2.58
CA SER A 125 6.36 -17.37 1.88
C SER A 125 5.40 -18.19 2.79
N GLY A 126 4.12 -17.90 2.71
CA GLY A 126 3.07 -18.63 3.45
C GLY A 126 2.56 -18.03 4.75
N GLY A 127 1.45 -18.61 5.21
CA GLY A 127 0.98 -18.41 6.56
C GLY A 127 0.29 -17.10 6.76
N THR A 128 0.05 -16.77 8.02
CA THR A 128 -0.60 -15.50 8.39
C THR A 128 0.38 -14.57 9.14
N ILE A 129 0.22 -13.27 8.99
CA ILE A 129 0.72 -12.43 10.06
C ILE A 129 -0.43 -11.71 10.64
N ASP A 130 -0.66 -11.94 11.91
CA ASP A 130 -1.71 -11.24 12.62
C ASP A 130 -1.06 -10.05 13.27
N MET A 131 -1.29 -8.86 12.71
CA MET A 131 -0.69 -7.64 13.17
C MET A 131 -1.38 -7.16 14.43
N ASN A 132 -2.50 -7.84 14.78
CA ASN A 132 -3.07 -7.83 16.12
C ASN A 132 -3.58 -6.46 16.63
N GLY A 133 -4.12 -5.65 15.72
CA GLY A 133 -4.49 -4.28 16.05
C GLY A 133 -5.96 -3.96 16.19
N ALA A 134 -6.81 -4.99 16.28
CA ALA A 134 -8.26 -4.82 16.33
C ALA A 134 -8.59 -4.01 17.58
N LEU A 135 -9.58 -3.13 17.50
CA LEU A 135 -9.86 -2.14 18.58
C LEU A 135 -10.47 -2.71 19.86
N ASN A 136 -10.25 -2.03 20.98
CA ASN A 136 -10.99 -2.30 22.23
C ASN A 136 -12.47 -2.01 22.03
N GLU A 137 -13.31 -2.52 22.92
CA GLU A 137 -14.75 -2.26 22.79
C GLU A 137 -15.04 -0.75 22.73
N GLU A 138 -14.24 0.07 23.40
CA GLU A 138 -14.35 1.51 23.24
C GLU A 138 -14.07 2.03 21.80
N GLY A 139 -13.04 1.48 21.15
CA GLY A 139 -12.63 1.97 19.84
C GLY A 139 -11.63 3.13 19.89
N THR A 140 -10.78 3.18 20.91
CA THR A 140 -9.78 4.26 21.02
C THR A 140 -8.35 3.73 20.88
N LYS A 141 -8.18 2.42 21.11
CA LYS A 141 -6.88 1.74 21.19
C LYS A 141 -7.05 0.29 20.77
N ALA A 142 -5.95 -0.36 20.45
CA ALA A 142 -6.01 -1.78 20.14
C ALA A 142 -6.16 -2.65 21.39
N LYS A 143 -7.22 -3.45 21.41
CA LYS A 143 -7.45 -4.44 22.45
C LYS A 143 -6.15 -5.03 23.04
N ASN A 144 -5.39 -5.79 22.25
CA ASN A 144 -4.26 -6.55 22.78
C ASN A 144 -2.96 -5.80 22.81
N LEU A 145 -2.93 -4.62 22.25
CA LEU A 145 -1.69 -3.92 22.18
C LEU A 145 -1.93 -2.48 22.58
N PRO A 146 -2.35 -2.27 23.86
CA PRO A 146 -2.79 -0.97 24.39
C PRO A 146 -1.76 0.16 24.37
N LEU A 147 -0.47 -0.16 24.43
CA LEU A 147 0.55 0.91 24.48
C LEU A 147 0.95 1.44 23.09
N ILE A 148 0.42 0.82 22.03
CA ILE A 148 0.99 1.11 20.69
C ILE A 148 0.34 2.26 20.00
N ASN A 149 1.08 2.81 19.05
CA ASN A 149 0.61 3.89 18.17
C ASN A 149 0.22 3.43 16.77
N SER A 150 0.84 2.32 16.32
CA SER A 150 0.53 1.67 15.03
C SER A 150 1.14 0.27 14.93
N SER A 151 0.45 -0.62 14.23
CA SER A 151 0.93 -1.98 14.03
C SER A 151 1.24 -2.24 12.56
N GLY A 152 1.99 -3.31 12.27
CA GLY A 152 2.29 -3.64 10.87
C GLY A 152 3.23 -4.79 10.80
N ALA A 153 3.54 -5.24 9.59
CA ALA A 153 4.20 -6.55 9.46
C ALA A 153 5.63 -6.43 8.99
N PHE A 154 5.91 -5.59 7.99
CA PHE A 154 7.29 -5.48 7.45
C PHE A 154 7.79 -4.03 7.34
N ALA A 155 9.00 -3.79 7.80
CA ALA A 155 9.68 -2.54 7.43
C ALA A 155 10.86 -2.90 6.54
N ILE A 156 10.75 -2.71 5.22
CA ILE A 156 11.82 -3.11 4.22
C ILE A 156 12.52 -1.80 3.85
N GLY A 157 13.72 -1.59 4.39
CA GLY A 157 14.51 -0.41 4.01
C GLY A 157 15.89 -0.77 3.49
N ASN A 158 16.26 -0.19 2.35
CA ASN A 158 17.57 -0.35 1.75
C ASN A 158 17.88 -1.81 1.35
N SER A 159 16.90 -2.49 0.75
CA SER A 159 17.03 -3.92 0.45
C SER A 159 16.91 -4.17 -1.07
N ASN A 160 17.30 -5.37 -1.49
CA ASN A 160 17.30 -5.73 -2.90
CA ASN A 160 17.22 -5.73 -2.92
C ASN A 160 16.72 -7.17 -3.09
N ASN A 161 15.80 -7.37 -4.02
CA ASN A 161 15.31 -8.72 -4.30
C ASN A 161 14.66 -9.30 -3.08
N VAL A 162 13.44 -8.84 -2.83
CA VAL A 162 12.71 -9.21 -1.66
C VAL A 162 11.40 -9.81 -2.25
N THR A 163 11.01 -10.99 -1.80
CA THR A 163 9.74 -11.62 -2.28
C THR A 163 8.84 -11.90 -1.09
N ILE A 164 7.69 -11.25 -1.09
CA ILE A 164 6.69 -11.59 -0.10
C ILE A 164 5.54 -12.24 -0.84
N LYS A 165 5.25 -13.47 -0.46
CA LYS A 165 4.39 -14.31 -1.31
C LYS A 165 3.48 -15.11 -0.40
N ASN A 166 2.23 -15.29 -0.84
CA ASN A 166 1.20 -16.15 -0.19
C ASN A 166 1.09 -15.93 1.30
N VAL A 167 0.64 -14.78 1.72
CA VAL A 167 0.67 -14.42 3.14
C VAL A 167 -0.65 -13.74 3.35
N THR A 168 -1.16 -13.85 4.58
CA THR A 168 -2.40 -13.20 4.84
C THR A 168 -2.09 -12.19 5.90
N PHE A 169 -2.45 -10.94 5.64
CA PHE A 169 -2.09 -9.90 6.60
C PHE A 169 -3.33 -9.43 7.33
N LYS A 170 -3.45 -9.76 8.60
CA LYS A 170 -4.66 -9.41 9.36
C LYS A 170 -4.41 -8.25 10.31
N ASP A 171 -5.27 -7.22 10.23
CA ASP A 171 -5.50 -6.23 11.29
C ASP A 171 -4.29 -5.38 11.69
N SER A 172 -3.78 -4.60 10.77
CA SER A 172 -2.90 -3.52 11.20
C SER A 172 -3.72 -2.53 12.03
N TYR A 173 -3.05 -1.89 12.98
CA TYR A 173 -3.61 -0.85 13.80
C TYR A 173 -3.11 0.46 13.23
N GLN A 174 -4.00 1.14 12.52
CA GLN A 174 -3.75 2.42 11.84
C GLN A 174 -2.34 2.48 11.28
N GLY A 175 -1.99 1.53 10.44
CA GLY A 175 -0.59 1.36 10.12
C GLY A 175 -0.35 0.72 8.78
N HIS A 176 0.90 0.72 8.39
CA HIS A 176 1.25 0.22 7.10
C HIS A 176 1.58 -1.23 7.28
N ALA A 177 0.76 -2.12 6.72
CA ALA A 177 1.12 -3.55 6.75
C ALA A 177 2.53 -3.74 6.21
N ILE A 178 2.87 -3.11 5.08
CA ILE A 178 4.18 -3.26 4.47
C ILE A 178 4.78 -1.87 4.15
N GLN A 179 6.02 -1.59 4.55
CA GLN A 179 6.67 -0.33 4.09
C GLN A 179 7.88 -0.69 3.26
N ILE A 180 7.90 -0.27 1.99
CA ILE A 180 9.03 -0.53 1.09
C ILE A 180 9.78 0.83 0.86
N ALA A 181 10.90 1.01 1.53
CA ALA A 181 11.63 2.34 1.51
C ALA A 181 13.02 2.14 0.96
N GLY A 182 13.39 2.88 -0.07
CA GLY A 182 14.74 2.81 -0.59
C GLY A 182 15.22 1.43 -1.01
N SER A 183 14.32 0.65 -1.59
CA SER A 183 14.53 -0.76 -1.85
C SER A 183 14.32 -1.13 -3.33
N LYS A 184 15.17 -2.04 -3.84
CA LYS A 184 15.16 -2.36 -5.26
C LYS A 184 14.64 -3.81 -5.49
N ASN A 185 13.88 -4.01 -6.56
CA ASN A 185 13.45 -5.37 -6.97
C ASN A 185 12.64 -6.05 -5.86
N VAL A 186 11.45 -5.52 -5.64
CA VAL A 186 10.63 -6.03 -4.57
C VAL A 186 9.38 -6.60 -5.17
N LEU A 187 8.95 -7.74 -4.66
CA LEU A 187 7.75 -8.32 -5.16
C LEU A 187 6.76 -8.64 -4.07
N VAL A 188 5.50 -8.23 -4.27
CA VAL A 188 4.40 -8.74 -3.46
C VAL A 188 3.38 -9.55 -4.26
N ASP A 189 3.33 -10.83 -3.94
CA ASP A 189 2.58 -11.74 -4.76
C ASP A 189 1.57 -12.56 -3.97
N ASN A 190 0.41 -12.75 -4.59
CA ASN A 190 -0.66 -13.65 -4.12
CA ASN A 190 -0.57 -13.72 -4.13
C ASN A 190 -0.92 -13.64 -2.64
N SER A 191 -1.06 -12.44 -2.11
CA SER A 191 -1.28 -12.28 -0.70
C SER A 191 -2.62 -11.69 -0.43
N ARG A 192 -2.99 -11.61 0.84
CA ARG A 192 -4.24 -10.94 1.14
C ARG A 192 -4.04 -10.02 2.28
N PHE A 193 -4.71 -8.87 2.20
CA PHE A 193 -4.60 -7.86 3.25
C PHE A 193 -6.00 -7.55 3.81
N LEU A 194 -6.27 -7.97 5.05
CA LEU A 194 -7.63 -7.90 5.62
C LEU A 194 -7.67 -7.20 6.95
N GLY A 195 -8.42 -6.10 7.02
CA GLY A 195 -8.51 -5.33 8.23
C GLY A 195 -7.49 -4.22 8.42
N GLN A 196 -8.00 -3.00 8.52
CA GLN A 196 -7.25 -1.87 9.06
C GLN A 196 -8.14 -1.27 10.15
N ALA A 197 -7.59 -1.15 11.35
CA ALA A 197 -8.35 -0.69 12.51
C ALA A 197 -8.13 0.81 12.75
N LEU A 198 -9.23 1.55 12.73
CA LEU A 198 -9.20 3.00 12.84
C LEU A 198 -9.99 3.50 14.07
N PRO A 199 -9.26 4.03 15.08
CA PRO A 199 -9.90 4.65 16.22
C PRO A 199 -10.87 5.71 15.77
N LYS A 200 -11.99 5.82 16.50
CA LYS A 200 -13.06 6.81 16.30
C LYS A 200 -12.51 8.23 16.31
N THR A 201 -11.46 8.43 17.09
CA THR A 201 -10.88 9.75 17.30
C THR A 201 -10.04 10.37 16.18
N MET A 202 -9.52 9.53 15.28
CA MET A 202 -8.66 9.99 14.16
C MET A 202 -9.33 11.05 13.30
N LYS A 203 -8.59 12.12 13.01
CA LYS A 203 -8.99 13.12 12.00
C LYS A 203 -8.69 12.59 10.60
N ASP A 204 -9.34 13.18 9.60
CA ASP A 204 -9.26 12.71 8.24
C ASP A 204 -7.83 12.70 7.73
N GLY A 205 -7.08 13.79 8.01
CA GLY A 205 -5.69 13.90 7.58
C GLY A 205 -4.76 12.76 8.02
N GLN A 206 -4.92 12.29 9.26
CA GLN A 206 -4.21 11.11 9.74
C GLN A 206 -4.81 9.80 9.13
N ILE A 207 -6.11 9.75 8.83
CA ILE A 207 -6.70 8.50 8.31
C ILE A 207 -6.14 8.17 6.91
N ILE A 208 -6.10 9.17 6.05
CA ILE A 208 -5.80 8.94 4.64
C ILE A 208 -4.30 8.85 4.36
N SER A 209 -3.52 8.84 5.43
CA SER A 209 -2.10 8.68 5.30
C SER A 209 -1.75 7.21 5.63
N LYS A 210 -2.75 6.34 5.70
CA LYS A 210 -2.54 4.96 6.09
C LYS A 210 -2.60 3.94 4.94
N GLU A 211 -1.67 4.02 3.99
CA GLU A 211 -1.60 3.00 2.93
C GLU A 211 -1.23 1.61 3.49
N SER A 212 -2.02 0.53 3.23
CA SER A 212 -1.61 -0.82 3.66
C SER A 212 -0.26 -1.24 3.09
N ILE A 213 0.01 -0.98 1.81
CA ILE A 213 1.38 -1.20 1.33
C ILE A 213 1.95 0.15 0.92
N GLN A 214 3.04 0.56 1.58
CA GLN A 214 3.67 1.88 1.30
C GLN A 214 4.96 1.81 0.49
N ILE A 215 5.05 2.55 -0.62
CA ILE A 215 6.23 2.50 -1.47
C ILE A 215 6.88 3.90 -1.54
N GLU A 216 8.05 4.06 -0.96
CA GLU A 216 8.52 5.41 -0.60
C GLU A 216 10.03 5.54 -0.74
N PRO A 217 10.50 6.79 -0.95
CA PRO A 217 11.95 7.05 -0.89
C PRO A 217 12.47 6.85 0.54
N LEU A 218 13.76 6.70 0.72
CA LEU A 218 14.28 6.47 2.08
C LEU A 218 14.70 7.77 2.77
N THR A 219 13.87 8.21 3.69
CA THR A 219 14.12 9.41 4.50
C THR A 219 13.75 9.10 5.96
N ARG A 220 14.34 9.80 6.91
CA ARG A 220 14.03 9.58 8.32
C ARG A 220 12.62 9.98 8.72
N LYS A 221 12.10 11.06 8.15
CA LYS A 221 10.70 11.40 8.38
C LYS A 221 9.72 10.32 7.83
N GLY A 222 10.05 9.76 6.68
CA GLY A 222 9.19 8.78 6.03
C GLY A 222 9.36 7.41 6.66
N PHE A 223 10.57 7.10 7.10
CA PHE A 223 10.94 5.75 7.54
C PHE A 223 11.71 5.86 8.88
N PRO A 224 11.01 6.23 9.95
CA PRO A 224 11.67 6.63 11.19
C PRO A 224 12.43 5.47 11.92
N TYR A 225 12.65 4.34 11.25
CA TYR A 225 13.28 3.19 11.93
C TYR A 225 14.80 3.17 11.78
N ALA A 226 15.36 4.07 11.00
CA ALA A 226 16.81 4.01 10.70
C ALA A 226 17.41 5.44 10.63
N LEU A 227 18.70 5.56 10.33
CA LEU A 227 19.30 6.92 10.18
C LEU A 227 19.31 7.35 8.71
N ASN A 228 19.20 6.38 7.80
CA ASN A 228 19.30 6.70 6.37
C ASN A 228 18.37 7.87 6.04
N ASP A 229 18.95 8.91 5.42
CA ASP A 229 18.21 10.15 5.16
C ASP A 229 18.50 10.75 3.80
N ASP A 230 19.01 9.94 2.88
CA ASP A 230 19.48 10.46 1.60
C ASP A 230 18.38 10.53 0.53
N GLY A 231 17.18 10.05 0.86
CA GLY A 231 16.01 9.98 -0.04
C GLY A 231 16.13 9.03 -1.23
N LYS A 232 16.96 8.01 -1.11
CA LYS A 232 17.14 7.01 -2.15
C LYS A 232 15.76 6.42 -2.54
N LYS A 233 15.57 6.17 -3.82
CA LYS A 233 14.27 5.73 -4.32
C LYS A 233 14.00 4.26 -4.00
N SER A 234 12.74 3.87 -4.09
CA SER A 234 12.40 2.47 -4.36
C SER A 234 12.35 2.21 -5.88
N GLU A 235 12.69 0.99 -6.28
CA GLU A 235 12.73 0.63 -7.67
C GLU A 235 12.26 -0.79 -8.03
N ASN A 236 11.53 -0.91 -9.15
CA ASN A 236 11.14 -2.22 -9.70
C ASN A 236 10.34 -2.93 -8.61
N VAL A 237 9.21 -2.34 -8.28
CA VAL A 237 8.38 -2.78 -7.17
C VAL A 237 7.06 -3.22 -7.83
N THR A 238 6.73 -4.50 -7.65
CA THR A 238 5.48 -5.08 -8.25
C THR A 238 4.58 -5.60 -7.16
N ILE A 239 3.34 -5.16 -7.22
CA ILE A 239 2.35 -5.73 -6.36
C ILE A 239 1.34 -6.46 -7.24
N GLN A 240 1.14 -7.77 -7.04
CA GLN A 240 0.28 -8.53 -7.97
C GLN A 240 -0.63 -9.65 -7.38
N ASN A 241 -1.72 -9.93 -8.04
CA ASN A 241 -2.52 -11.13 -7.71
C ASN A 241 -2.89 -11.23 -6.28
N SER A 242 -3.38 -10.16 -5.67
CA SER A 242 -3.57 -10.10 -4.22
C SER A 242 -4.85 -9.43 -4.00
N TYR A 243 -5.32 -9.54 -2.76
CA TYR A 243 -6.67 -9.13 -2.43
C TYR A 243 -6.59 -8.22 -1.23
N PHE A 244 -7.41 -7.18 -1.22
CA PHE A 244 -7.38 -6.20 -0.16
C PHE A 244 -8.85 -5.98 0.18
N GLY A 245 -9.20 -6.12 1.45
CA GLY A 245 -10.51 -5.81 2.01
C GLY A 245 -10.56 -5.73 3.55
N LYS A 246 -11.74 -6.04 4.12
CA LYS A 246 -11.91 -5.98 5.57
C LYS A 246 -11.59 -7.33 6.17
N SER A 247 -11.57 -7.41 7.49
CA SER A 247 -11.54 -8.71 8.16
C SER A 247 -12.78 -8.86 9.07
N ASP A 248 -12.90 -10.02 9.73
CA ASP A 248 -13.90 -10.23 10.77
C ASP A 248 -13.71 -9.27 11.95
N LYS A 249 -12.48 -8.89 12.26
CA LYS A 249 -12.20 -8.06 13.43
C LYS A 249 -12.07 -6.57 13.14
N SER A 250 -11.78 -6.20 11.90
CA SER A 250 -11.81 -4.77 11.58
C SER A 250 -12.11 -4.45 10.13
N GLY A 251 -12.35 -3.16 9.90
CA GLY A 251 -12.89 -2.68 8.63
C GLY A 251 -11.89 -2.54 7.50
N GLU A 252 -12.36 -1.91 6.40
CA GLU A 252 -11.68 -1.98 5.11
C GLU A 252 -10.45 -1.07 5.10
N LEU A 253 -9.40 -1.53 4.43
CA LEU A 253 -8.19 -0.76 4.19
C LEU A 253 -8.60 0.61 3.74
N VAL A 254 -7.82 1.61 4.10
CA VAL A 254 -8.04 2.98 3.67
C VAL A 254 -7.53 3.12 2.24
N THR A 255 -6.29 2.72 2.01
CA THR A 255 -5.59 2.86 0.72
C THR A 255 -4.74 1.63 0.65
N ALA A 256 -5.02 0.75 -0.32
CA ALA A 256 -4.24 -0.48 -0.52
C ALA A 256 -2.72 -0.17 -0.79
N ILE A 257 -2.44 0.60 -1.81
CA ILE A 257 -1.05 0.87 -2.21
C ILE A 257 -0.88 2.32 -2.49
N GLY A 258 0.28 2.84 -2.07
CA GLY A 258 0.68 4.21 -2.46
C GLY A 258 1.73 4.89 -1.58
N THR A 259 1.70 6.22 -1.55
CA THR A 259 2.53 7.05 -0.67
C THR A 259 1.96 8.47 -0.72
N HIS A 260 2.34 9.27 0.26
CA HIS A 260 1.76 10.59 0.46
C HIS A 260 2.86 11.62 0.84
N TYR A 261 4.11 11.38 0.45
CA TYR A 261 5.21 12.30 0.84
C TYR A 261 6.31 12.35 -0.24
N GLN A 262 6.68 13.56 -0.68
CA GLN A 262 7.95 13.76 -1.40
C GLN A 262 8.56 15.16 -1.16
N THR A 263 9.78 15.39 -1.63
CA THR A 263 10.47 16.71 -1.39
C THR A 263 11.60 16.92 -2.38
N LEU A 264 12.31 18.06 -2.29
CA LEU A 264 13.33 18.32 -3.28
C LEU A 264 14.46 17.35 -3.21
N SER A 265 14.64 16.76 -2.01
CA SER A 265 15.68 15.76 -1.74
C SER A 265 15.32 14.26 -1.95
N THR A 266 14.03 13.92 -2.11
CA THR A 266 13.66 12.51 -2.36
C THR A 266 13.72 12.10 -3.85
N GLN A 267 14.39 11.01 -4.15
CA GLN A 267 14.41 10.50 -5.50
C GLN A 267 13.13 9.64 -5.68
N ASN A 268 12.35 9.90 -6.73
CA ASN A 268 11.01 9.28 -6.97
C ASN A 268 10.98 7.76 -7.21
N PRO A 269 10.19 6.99 -6.42
CA PRO A 269 10.06 5.56 -6.73
C PRO A 269 9.64 5.30 -8.20
N SER A 270 10.36 4.42 -8.88
CA SER A 270 10.17 4.23 -10.34
C SER A 270 10.04 2.75 -10.75
N ASN A 271 9.43 2.53 -11.90
CA ASN A 271 9.04 1.21 -12.37
C ASN A 271 8.27 0.45 -11.30
N ILE A 272 7.04 0.94 -11.13
CA ILE A 272 6.10 0.47 -10.15
C ILE A 272 4.94 -0.20 -10.91
N LYS A 273 4.80 -1.51 -10.75
CA LYS A 273 3.76 -2.25 -11.47
C LYS A 273 2.81 -2.74 -10.43
N ILE A 274 1.55 -2.36 -10.61
CA ILE A 274 0.44 -2.85 -9.81
C ILE A 274 -0.59 -3.53 -10.71
N GLN A 275 -0.74 -4.85 -10.55
CA GLN A 275 -1.36 -5.73 -11.56
C GLN A 275 -2.20 -6.84 -10.99
N ASN A 276 -3.38 -7.03 -11.58
CA ASN A 276 -4.25 -8.17 -11.30
CA ASN A 276 -4.23 -8.18 -11.29
C ASN A 276 -4.63 -8.35 -9.82
N ASN A 277 -4.90 -7.25 -9.15
CA ASN A 277 -5.17 -7.25 -7.74
C ASN A 277 -6.65 -7.01 -7.62
N HIS A 278 -7.24 -7.22 -6.46
CA HIS A 278 -8.64 -6.95 -6.35
C HIS A 278 -8.81 -6.10 -5.13
N PHE A 279 -9.34 -4.89 -5.30
CA PHE A 279 -9.29 -3.92 -4.20
C PHE A 279 -10.73 -3.89 -3.78
N ASP A 280 -11.05 -4.62 -2.73
CA ASP A 280 -12.45 -4.85 -2.40
C ASP A 280 -13.01 -3.82 -1.44
N ASN A 281 -13.61 -2.76 -1.98
CA ASN A 281 -14.34 -1.82 -1.15
C ASN A 281 -13.51 -0.87 -0.23
N MET A 282 -12.39 -0.33 -0.75
CA MET A 282 -11.53 0.58 0.04
C MET A 282 -12.28 1.81 0.56
N MET A 283 -11.81 2.38 1.65
CA MET A 283 -12.36 3.64 2.16
C MET A 283 -12.04 4.84 1.26
N TYR A 284 -10.80 4.89 0.74
CA TYR A 284 -10.32 6.08 0.03
C TYR A 284 -9.79 5.76 -1.35
N ALA A 285 -8.95 4.72 -1.47
CA ALA A 285 -8.18 4.49 -2.70
C ALA A 285 -7.72 3.05 -2.81
N GLY A 286 -7.54 2.57 -4.02
CA GLY A 286 -6.78 1.33 -4.17
C GLY A 286 -5.35 1.76 -4.35
N VAL A 287 -5.14 2.72 -5.24
CA VAL A 287 -3.81 3.21 -5.48
C VAL A 287 -3.86 4.71 -5.33
N ARG A 288 -3.07 5.24 -4.40
CA ARG A 288 -2.99 6.66 -4.31
C ARG A 288 -1.55 7.06 -4.03
N PHE A 289 -1.01 7.92 -4.84
CA PHE A 289 0.39 8.27 -4.68
C PHE A 289 0.67 9.67 -5.23
N THR A 290 1.84 10.18 -4.81
CA THR A 290 2.49 11.41 -5.35
C THR A 290 4.03 11.21 -5.40
N GLY A 291 4.68 11.69 -6.46
CA GLY A 291 6.11 11.39 -6.64
C GLY A 291 6.51 9.99 -7.12
N PHE A 292 5.77 9.43 -8.07
CA PHE A 292 6.17 8.18 -8.73
C PHE A 292 6.52 8.48 -10.17
N THR A 293 7.43 7.69 -10.74
CA THR A 293 7.68 7.80 -12.18
C THR A 293 7.61 6.43 -12.80
N ASP A 294 6.88 6.30 -13.89
CA ASP A 294 6.87 5.05 -14.67
C ASP A 294 6.13 4.04 -13.83
N VAL A 295 4.82 4.22 -13.76
CA VAL A 295 3.96 3.24 -13.07
C VAL A 295 2.92 2.67 -13.99
N LEU A 296 2.58 1.39 -13.74
CA LEU A 296 1.60 0.67 -14.51
C LEU A 296 0.53 0.09 -13.60
N ILE A 297 -0.73 0.41 -13.89
CA ILE A 297 -1.84 -0.09 -13.10
C ILE A 297 -2.75 -0.83 -14.06
N LYS A 298 -2.65 -2.15 -14.06
CA LYS A 298 -3.24 -2.89 -15.14
C LYS A 298 -4.08 -4.05 -14.64
N GLY A 299 -5.27 -4.20 -15.22
CA GLY A 299 -6.15 -5.35 -15.02
C GLY A 299 -6.55 -5.62 -13.58
N ASN A 300 -6.74 -4.56 -12.80
CA ASN A 300 -7.08 -4.67 -11.42
C ASN A 300 -8.58 -4.62 -11.33
N ARG A 301 -9.13 -5.03 -10.21
CA ARG A 301 -10.56 -4.90 -10.05
C ARG A 301 -10.82 -4.02 -8.85
N PHE A 302 -11.56 -2.93 -9.04
CA PHE A 302 -11.87 -2.11 -7.88
C PHE A 302 -13.37 -2.23 -7.67
N ASP A 303 -13.81 -2.59 -6.46
CA ASP A 303 -15.22 -2.51 -6.10
C ASP A 303 -15.40 -1.51 -5.00
N LYS A 304 -16.50 -0.79 -5.05
CA LYS A 304 -16.85 0.14 -4.00
C LYS A 304 -18.35 0.01 -3.77
N LYS A 305 -18.70 -0.34 -2.54
CA LYS A 305 -20.07 -0.67 -2.17
C LYS A 305 -20.69 0.59 -1.66
N VAL A 306 -21.93 0.49 -1.25
CA VAL A 306 -22.64 1.65 -0.75
C VAL A 306 -22.30 1.88 0.73
N LYS A 307 -22.42 3.13 1.17
CA LYS A 307 -22.14 3.50 2.55
C LYS A 307 -22.72 2.49 3.56
N GLY A 308 -23.91 1.96 3.27
CA GLY A 308 -24.65 1.13 4.21
C GLY A 308 -24.08 -0.26 4.36
N GLU A 309 -23.57 -0.84 3.27
CA GLU A 309 -22.89 -2.15 3.28
C GLU A 309 -21.37 -2.10 3.64
N SER A 310 -20.94 -1.05 4.34
CA SER A 310 -19.52 -0.83 4.63
C SER A 310 -19.33 -0.60 6.12
N VAL A 311 -18.35 -1.29 6.71
CA VAL A 311 -17.86 -0.95 8.05
C VAL A 311 -17.19 0.43 8.08
N HIS A 312 -16.28 0.71 7.15
CA HIS A 312 -15.67 2.04 7.02
C HIS A 312 -16.20 2.78 5.81
N TYR A 313 -16.34 4.09 5.94
CA TYR A 313 -16.82 4.92 4.84
C TYR A 313 -16.39 6.37 5.02
N ARG A 314 -15.81 6.97 3.98
CA ARG A 314 -15.42 8.39 3.98
C ARG A 314 -16.47 9.36 3.37
N GLU A 315 -17.08 10.19 4.20
CA GLU A 315 -18.09 11.16 3.77
C GLU A 315 -17.59 12.30 2.86
N SER A 316 -16.33 12.69 2.99
CA SER A 316 -15.75 13.65 2.07
C SER A 316 -15.47 13.01 0.68
N GLY A 317 -15.65 11.69 0.55
CA GLY A 317 -15.62 11.05 -0.78
C GLY A 317 -14.38 10.22 -1.06
N ALA A 318 -14.31 9.61 -2.24
CA ALA A 318 -13.18 8.71 -2.56
C ALA A 318 -12.79 8.68 -4.05
N ALA A 319 -11.60 8.17 -4.35
CA ALA A 319 -11.13 8.11 -5.72
C ALA A 319 -10.24 6.87 -5.84
N LEU A 320 -10.75 5.83 -6.49
CA LEU A 320 -10.15 4.53 -6.47
C LEU A 320 -8.72 4.52 -7.07
N VAL A 321 -8.49 5.29 -8.10
CA VAL A 321 -7.10 5.54 -8.47
C VAL A 321 -6.92 7.01 -8.33
N ASN A 322 -5.86 7.43 -7.64
CA ASN A 322 -5.69 8.84 -7.34
C ASN A 322 -4.20 9.15 -7.44
N ALA A 323 -3.77 9.60 -8.61
CA ALA A 323 -2.40 9.99 -8.78
C ALA A 323 -2.41 11.52 -8.61
N TYR A 324 -1.94 11.98 -7.46
CA TYR A 324 -2.15 13.39 -7.12
C TYR A 324 -0.78 14.02 -6.88
N SER A 325 -0.78 15.27 -6.39
CA SER A 325 0.43 16.11 -6.36
C SER A 325 0.62 16.63 -4.92
N TYR A 326 1.69 16.22 -4.25
CA TYR A 326 1.98 16.74 -2.89
C TYR A 326 1.77 18.26 -2.70
N LYS A 327 1.17 18.63 -1.58
CA LYS A 327 0.89 20.03 -1.27
C LYS A 327 2.17 20.86 -1.01
N ASN A 328 2.73 21.42 -2.06
CA ASN A 328 3.85 22.35 -1.94
C ASN A 328 3.69 23.44 -2.98
N THR A 329 3.83 24.68 -2.53
CA THR A 329 3.73 25.87 -3.39
C THR A 329 5.06 26.57 -3.54
N LYS A 330 6.09 26.08 -2.85
CA LYS A 330 7.40 26.77 -2.90
C LYS A 330 8.42 26.15 -3.88
N ASP A 331 8.36 24.84 -4.05
CA ASP A 331 9.37 24.12 -4.84
C ASP A 331 8.82 23.53 -6.13
N LEU A 332 9.69 23.45 -7.14
CA LEU A 332 9.40 22.75 -8.38
C LEU A 332 9.66 21.25 -8.16
N LEU A 333 8.59 20.55 -7.80
CA LEU A 333 8.69 19.14 -7.44
C LEU A 333 8.73 18.25 -8.68
N ASP A 334 9.30 17.08 -8.52
CA ASP A 334 9.23 16.10 -9.58
C ASP A 334 7.87 15.35 -9.49
N LEU A 335 6.78 15.96 -9.94
CA LEU A 335 5.45 15.35 -9.74
C LEU A 335 5.19 14.13 -10.68
N ASN A 336 4.11 13.37 -10.45
CA ASN A 336 3.84 12.14 -11.23
C ASN A 336 4.08 12.23 -12.76
N LYS A 337 4.88 11.31 -13.28
CA LYS A 337 5.09 11.22 -14.74
C LYS A 337 5.08 9.77 -15.20
N GLN A 338 4.62 9.51 -16.43
CA GLN A 338 4.63 8.14 -16.99
C GLN A 338 3.71 7.17 -16.19
N VAL A 339 2.47 7.57 -16.03
CA VAL A 339 1.51 6.72 -15.33
C VAL A 339 0.60 6.11 -16.38
N VAL A 340 0.50 4.79 -16.36
CA VAL A 340 -0.40 4.07 -17.27
C VAL A 340 -1.47 3.32 -16.49
N ILE A 341 -2.72 3.56 -16.82
CA ILE A 341 -3.81 2.98 -16.09
C ILE A 341 -4.66 2.21 -17.11
N ALA A 342 -4.30 0.94 -17.30
CA ALA A 342 -4.87 0.16 -18.41
C ALA A 342 -5.76 -0.99 -17.92
N GLU A 343 -6.88 -1.21 -18.59
CA GLU A 343 -7.65 -2.47 -18.48
C GLU A 343 -8.10 -2.83 -17.09
N ASN A 344 -8.37 -1.83 -16.25
CA ASN A 344 -8.89 -2.09 -14.94
C ASN A 344 -10.39 -2.13 -15.03
N ILE A 345 -11.06 -2.64 -14.02
CA ILE A 345 -12.50 -2.56 -14.04
C ILE A 345 -12.99 -2.06 -12.68
N PHE A 346 -13.98 -1.16 -12.68
CA PHE A 346 -14.51 -0.54 -11.45
C PHE A 346 -16.02 -0.80 -11.37
N ASN A 347 -16.50 -1.32 -10.24
CA ASN A 347 -17.94 -1.32 -9.98
C ASN A 347 -18.14 -0.42 -8.82
N ILE A 348 -18.83 0.69 -9.02
CA ILE A 348 -19.01 1.66 -7.96
C ILE A 348 -20.52 1.84 -7.68
N ALA A 349 -20.93 1.60 -6.45
CA ALA A 349 -22.31 1.86 -6.04
C ALA A 349 -22.40 3.02 -5.03
N ASP A 350 -21.25 3.59 -4.70
CA ASP A 350 -21.21 4.78 -3.87
C ASP A 350 -21.35 6.01 -4.74
N PRO A 351 -22.32 6.89 -4.43
CA PRO A 351 -22.50 8.08 -5.26
C PRO A 351 -21.35 9.06 -5.12
N LYS A 352 -20.54 8.87 -4.08
CA LYS A 352 -19.46 9.80 -3.75
C LYS A 352 -18.05 9.37 -4.19
N THR A 353 -17.95 8.34 -5.03
CA THR A 353 -16.64 7.81 -5.38
C THR A 353 -16.31 8.08 -6.85
N LYS A 354 -15.12 8.64 -7.13
CA LYS A 354 -14.54 8.68 -8.49
C LYS A 354 -13.78 7.40 -8.81
N ALA A 355 -13.75 6.97 -10.07
CA ALA A 355 -12.91 5.84 -10.42
C ALA A 355 -11.46 6.31 -10.56
N ILE A 356 -11.22 7.32 -11.39
CA ILE A 356 -9.88 7.65 -11.79
C ILE A 356 -9.69 9.14 -11.64
N ARG A 357 -8.62 9.53 -10.96
CA ARG A 357 -8.21 10.92 -10.79
C ARG A 357 -6.73 10.96 -11.06
N VAL A 358 -6.33 11.81 -11.99
CA VAL A 358 -4.93 12.17 -12.10
C VAL A 358 -4.87 13.68 -12.03
N ALA A 359 -4.05 14.24 -11.14
CA ALA A 359 -4.04 15.69 -10.94
C ALA A 359 -2.70 16.35 -10.58
N LYS A 360 -2.50 17.56 -11.12
CA LYS A 360 -1.87 18.67 -10.36
C LYS A 360 -2.97 19.48 -9.65
N ASP A 361 -3.03 19.32 -8.32
CA ASP A 361 -4.20 19.72 -7.55
C ASP A 361 -4.44 21.23 -7.48
N SER A 362 -3.38 22.03 -7.49
CA SER A 362 -3.56 23.47 -7.58
C SER A 362 -2.67 24.11 -8.62
N ALA A 363 -3.19 25.15 -9.26
CA ALA A 363 -2.46 25.90 -10.27
C ALA A 363 -1.17 26.46 -9.68
N GLU A 364 -1.14 26.57 -8.35
CA GLU A 364 -0.02 27.16 -7.59
C GLU A 364 1.23 26.28 -7.49
N TYR A 365 1.12 25.01 -7.89
CA TYR A 365 2.24 24.07 -7.82
C TYR A 365 3.14 24.23 -9.04
N LEU A 366 4.45 24.20 -8.82
CA LEU A 366 5.41 24.59 -9.84
C LEU A 366 5.84 23.43 -10.75
N GLY A 367 5.74 22.22 -10.22
CA GLY A 367 6.14 21.04 -10.95
C GLY A 367 5.19 20.74 -12.09
N LYS A 368 5.56 19.75 -12.91
CA LYS A 368 4.71 19.30 -13.99
C LYS A 368 4.27 17.84 -13.77
N VAL A 369 3.05 17.53 -14.22
CA VAL A 369 2.52 16.16 -14.30
C VAL A 369 2.32 15.81 -15.80
N SER A 370 2.97 14.76 -16.28
CA SER A 370 2.90 14.40 -17.71
C SER A 370 3.11 12.93 -18.09
N ASP A 371 2.94 12.61 -19.37
CA ASP A 371 2.87 11.22 -19.88
C ASP A 371 1.85 10.36 -19.15
N ILE A 372 0.60 10.69 -19.41
CA ILE A 372 -0.53 10.07 -18.71
C ILE A 372 -1.43 9.36 -19.71
N THR A 373 -1.60 8.06 -19.53
CA THR A 373 -2.44 7.30 -20.43
C THR A 373 -3.42 6.47 -19.62
N VAL A 374 -4.71 6.63 -19.94
CA VAL A 374 -5.83 5.98 -19.27
C VAL A 374 -6.61 5.21 -20.34
N THR A 375 -6.50 3.89 -20.36
CA THR A 375 -6.97 3.17 -21.55
C THR A 375 -7.62 1.81 -21.30
N LYS A 376 -8.73 1.56 -22.01
CA LYS A 376 -9.43 0.25 -22.03
C LYS A 376 -9.93 -0.09 -20.63
N ASN A 377 -10.20 0.92 -19.82
CA ASN A 377 -10.77 0.66 -18.52
C ASN A 377 -12.25 0.51 -18.69
N VAL A 378 -12.91 -0.15 -17.76
CA VAL A 378 -14.35 -0.32 -17.83
C VAL A 378 -14.94 0.12 -16.50
N ILE A 379 -15.89 1.05 -16.50
CA ILE A 379 -16.46 1.51 -15.23
C ILE A 379 -17.96 1.30 -15.20
N ASN A 380 -18.45 0.46 -14.29
CA ASN A 380 -19.87 0.34 -14.04
C ASN A 380 -20.24 1.09 -12.81
N ASN A 381 -20.77 2.30 -13.00
CA ASN A 381 -21.18 3.09 -11.85
C ASN A 381 -22.69 3.04 -11.72
N ASN A 382 -23.19 2.20 -10.83
CA ASN A 382 -24.64 2.12 -10.67
C ASN A 382 -25.17 2.78 -9.41
N SER A 383 -24.46 3.82 -8.94
CA SER A 383 -24.86 4.54 -7.72
C SER A 383 -26.07 5.41 -7.97
N LYS A 384 -26.81 5.76 -6.91
CA LYS A 384 -27.97 6.62 -7.06
C LYS A 384 -27.64 8.10 -6.82
N GLU A 385 -27.98 8.95 -7.78
CA GLU A 385 -27.66 10.39 -7.74
C GLU A 385 -26.18 10.64 -7.51
N THR A 386 -25.43 10.16 -8.49
CA THR A 386 -23.99 10.25 -8.51
C THR A 386 -23.49 11.68 -8.45
N GLU A 387 -22.62 11.95 -7.49
CA GLU A 387 -22.18 13.31 -7.21
C GLU A 387 -20.84 13.67 -7.80
N GLN A 388 -20.26 12.76 -8.58
CA GLN A 388 -18.86 12.86 -8.99
C GLN A 388 -18.75 12.36 -10.42
N PRO A 389 -17.76 12.86 -11.17
CA PRO A 389 -17.34 12.34 -12.47
C PRO A 389 -16.64 11.01 -12.32
N ASN A 390 -16.72 10.19 -13.37
CA ASN A 390 -16.06 8.90 -13.37
C ASN A 390 -14.54 8.99 -13.58
N ILE A 391 -14.11 9.88 -14.46
CA ILE A 391 -12.69 10.04 -14.75
C ILE A 391 -12.35 11.54 -14.71
N GLU A 392 -11.25 11.91 -14.04
CA GLU A 392 -10.89 13.33 -13.85
C GLU A 392 -9.42 13.56 -14.09
N LEU A 393 -9.12 14.34 -15.09
CA LEU A 393 -7.72 14.63 -15.39
C LEU A 393 -7.63 16.11 -15.26
N LEU A 394 -6.64 16.56 -14.47
CA LEU A 394 -6.56 17.92 -14.01
C LEU A 394 -5.13 18.47 -14.07
N ARG A 395 -4.95 19.52 -14.85
CA ARG A 395 -3.63 20.16 -15.03
C ARG A 395 -2.50 19.21 -15.45
N VAL A 396 -2.75 18.46 -16.52
CA VAL A 396 -1.75 17.56 -17.07
C VAL A 396 -1.06 18.24 -18.25
N SER A 397 0.26 18.30 -18.21
CA SER A 397 1.03 19.27 -19.02
C SER A 397 1.34 18.90 -20.48
N ASP A 398 1.59 17.62 -20.75
CA ASP A 398 1.88 17.15 -22.12
CA ASP A 398 1.83 17.15 -22.12
C ASP A 398 1.74 15.62 -22.19
N ASN A 399 1.47 15.10 -23.38
CA ASN A 399 1.19 13.68 -23.56
C ASN A 399 0.11 13.14 -22.62
N LEU A 400 -1.13 13.33 -23.01
CA LEU A 400 -2.22 12.78 -22.25
C LEU A 400 -3.06 11.95 -23.20
N VAL A 401 -3.15 10.65 -22.97
CA VAL A 401 -4.10 9.87 -23.76
C VAL A 401 -5.20 9.24 -22.97
N VAL A 402 -6.41 9.36 -23.48
CA VAL A 402 -7.56 8.86 -22.79
C VAL A 402 -8.45 8.14 -23.82
N SER A 403 -8.35 6.81 -23.84
CA SER A 403 -8.79 6.00 -24.98
C SER A 403 -9.45 4.68 -24.69
N GLU A 404 -10.43 4.35 -25.53
CA GLU A 404 -11.10 3.06 -25.55
C GLU A 404 -11.52 2.63 -24.15
N ASN A 405 -11.83 3.62 -23.32
CA ASN A 405 -12.52 3.37 -22.05
C ASN A 405 -14.02 3.21 -22.23
N SER A 406 -14.68 2.47 -21.35
CA SER A 406 -16.13 2.24 -21.50
C SER A 406 -16.85 2.49 -20.16
N ILE A 407 -17.88 3.32 -20.18
CA ILE A 407 -18.38 3.88 -18.93
C ILE A 407 -19.88 3.68 -18.84
N PHE A 408 -20.33 2.88 -17.87
CA PHE A 408 -21.73 2.50 -17.77
C PHE A 408 -22.31 3.13 -16.51
N GLY A 409 -22.99 4.25 -16.67
CA GLY A 409 -23.76 4.85 -15.55
C GLY A 409 -23.11 6.13 -15.01
N GLY A 410 -23.77 6.76 -14.05
CA GLY A 410 -23.29 7.99 -13.40
C GLY A 410 -23.66 9.31 -14.09
N LYS A 411 -23.25 10.43 -13.47
CA LYS A 411 -23.40 11.78 -14.04
C LYS A 411 -22.36 12.00 -15.14
N GLU A 412 -21.30 12.73 -14.84
CA GLU A 412 -20.30 13.06 -15.87
C GLU A 412 -19.44 11.84 -16.21
N GLY A 413 -18.78 11.85 -17.36
CA GLY A 413 -17.97 10.70 -17.76
C GLY A 413 -16.53 11.07 -17.57
N ILE A 414 -16.01 11.76 -18.56
CA ILE A 414 -14.66 12.23 -18.55
C ILE A 414 -14.67 13.73 -18.40
N VAL A 415 -13.69 14.24 -17.66
CA VAL A 415 -13.49 15.66 -17.50
C VAL A 415 -11.99 15.88 -17.69
N ILE A 416 -11.61 16.74 -18.62
CA ILE A 416 -10.20 17.13 -18.73
C ILE A 416 -10.06 18.63 -18.54
N GLU A 417 -9.23 19.04 -17.59
CA GLU A 417 -9.26 20.40 -17.11
C GLU A 417 -7.85 20.97 -17.09
N ASP A 418 -7.71 22.18 -17.62
CA ASP A 418 -6.46 22.95 -17.58
C ASP A 418 -5.22 22.18 -18.04
N SER A 419 -5.39 21.41 -19.11
CA SER A 419 -4.33 20.55 -19.59
C SER A 419 -3.73 21.07 -20.90
N LYS A 420 -2.41 21.16 -20.99
CA LYS A 420 -1.75 21.57 -22.23
C LYS A 420 -1.23 20.35 -23.00
N GLY A 421 -0.65 20.59 -24.18
CA GLY A 421 0.14 19.58 -24.89
C GLY A 421 -0.64 18.65 -25.81
N LYS A 422 -0.02 17.56 -26.22
CA LYS A 422 -0.70 16.62 -27.11
C LYS A 422 -1.73 15.87 -26.27
N ILE A 423 -2.99 16.15 -26.53
CA ILE A 423 -4.05 15.46 -25.84
C ILE A 423 -4.84 14.61 -26.85
N THR A 424 -4.84 13.30 -26.63
CA THR A 424 -5.57 12.37 -27.51
C THR A 424 -6.75 11.78 -26.77
N VAL A 425 -7.94 11.99 -27.30
CA VAL A 425 -9.14 11.46 -26.69
C VAL A 425 -9.89 10.78 -27.80
N LEU A 426 -9.95 9.45 -27.76
CA LEU A 426 -10.29 8.66 -28.95
C LEU A 426 -11.01 7.35 -28.61
N ASN A 427 -12.18 7.15 -29.22
CA ASN A 427 -12.90 5.89 -29.17
C ASN A 427 -13.32 5.43 -27.79
N ASN A 428 -13.72 6.36 -26.92
CA ASN A 428 -14.41 6.00 -25.68
C ASN A 428 -15.87 5.68 -25.97
N GLN A 429 -16.54 4.94 -25.07
CA GLN A 429 -17.96 4.63 -25.24
C GLN A 429 -18.71 5.02 -23.97
N PHE A 430 -19.92 5.57 -24.09
CA PHE A 430 -20.60 6.09 -22.90
C PHE A 430 -22.05 5.61 -22.89
N TYR A 431 -22.52 5.06 -21.77
CA TYR A 431 -23.85 4.42 -21.72
C TYR A 431 -24.72 4.85 -20.54
N ASN A 432 -25.91 5.34 -20.84
CA ASN A 432 -26.90 5.52 -19.78
C ASN A 432 -26.38 6.50 -18.71
N LEU A 433 -25.31 7.23 -19.06
CA LEU A 433 -24.87 8.41 -18.31
C LEU A 433 -25.95 9.47 -18.33
N SER A 434 -26.16 10.11 -17.18
CA SER A 434 -27.08 11.22 -17.13
C SER A 434 -26.45 12.55 -17.66
N GLY A 435 -25.32 12.97 -17.06
CA GLY A 435 -24.65 14.24 -17.40
C GLY A 435 -23.68 14.20 -18.56
N LYS A 436 -22.72 15.14 -18.59
CA LYS A 436 -21.87 15.31 -19.77
C LYS A 436 -20.92 14.13 -19.97
N TYR A 437 -20.92 13.53 -21.16
CA TYR A 437 -19.94 12.49 -21.49
C TYR A 437 -18.53 13.03 -21.35
N ILE A 438 -18.08 13.79 -22.34
CA ILE A 438 -16.78 14.42 -22.27
C ILE A 438 -17.02 15.89 -21.97
N SER A 439 -16.02 16.54 -21.39
CA SER A 439 -16.18 17.86 -20.82
C SER A 439 -14.78 18.47 -20.67
N PHE A 440 -14.46 19.42 -21.53
CA PHE A 440 -13.15 20.09 -21.51
C PHE A 440 -13.29 21.48 -20.88
N ILE A 441 -12.44 21.79 -19.90
CA ILE A 441 -12.68 22.93 -19.02
C ILE A 441 -11.41 23.80 -18.95
N LYS A 442 -11.59 25.13 -19.04
CA LYS A 442 -10.53 26.07 -19.51
C LYS A 442 -9.88 27.00 -18.46
#